data_7VLI
#
_entry.id   7VLI
#
_cell.length_a   42.450
_cell.length_b   42.450
_cell.length_c   215.734
_cell.angle_alpha   90.000
_cell.angle_beta   90.000
_cell.angle_gamma   90.000
#
_symmetry.space_group_name_H-M   'P 43 2 2'
#
loop_
_entity.id
_entity.type
_entity.pdbx_description
1 polymer 'Serine protease subunit NS2B'
2 polymer 'NS3 protease'
3 non-polymer 1-[(3~{S},6~{S},19~{R})-3,6-bis(4-azanylbutyl)-2,5,8,12,15,18-hexakis(oxidanylidene)-1,4,7,11,14,17-hexazacyclotricos-19-yl]guanidine
4 non-polymer 'SULFATE ION'
5 water water
#
loop_
_entity_poly.entity_id
_entity_poly.type
_entity_poly.pdbx_seq_one_letter_code
_entity_poly.pdbx_strand_id
1 'polypeptide(L)' MTGKSVDMYIERAGDITWEKDAEVTGNSPRLDVALDESGDFSLVEEDGPPMRE A
2 'polypeptide(L)'
;GSGALWDVPAPKEVKKGETTDGVYRVMTRRLLGSTQVGVGVMQEGVFHTMWHVTKGAALRSGEGRLDPYWGDVKQDLVSY
CGPWKLDAAWDGLSEVQLLAVPPGERAKNIQTLPGIFKTKDGDIGAVALDYPAGTSGSPILDKCGRVIGLYGNGVVIKNG
SYVSAITQGKREEETPVE
;
B
#
loop_
_chem_comp.id
_chem_comp.type
_chem_comp.name
_chem_comp.formula
7QG non-polymer 1-[(3~{S},6~{S},19~{R})-3,6-bis(4-azanylbutyl)-2,5,8,12,15,18-hexakis(oxidanylidene)-1,4,7,11,14,17-hexazacyclotricos-19-yl]guanidine 'C26 H49 N11 O6'
SO4 non-polymer 'SULFATE ION' 'O4 S -2'
#
# COMPACT_ATOMS: atom_id res chain seq x y z
N ASP A 7 -7.80 -7.12 19.01
CA ASP A 7 -7.55 -5.77 18.53
C ASP A 7 -6.29 -5.69 17.69
N MET A 8 -6.08 -4.55 17.05
CA MET A 8 -4.89 -4.30 16.25
C MET A 8 -4.21 -3.03 16.76
N TYR A 9 -2.93 -2.88 16.39
CA TYR A 9 -2.18 -1.70 16.77
C TYR A 9 -1.13 -1.41 15.70
N ILE A 10 -0.55 -0.21 15.77
CA ILE A 10 0.38 0.27 14.77
C ILE A 10 1.67 0.71 15.47
N GLU A 11 2.81 0.45 14.81
CA GLU A 11 4.09 0.96 15.27
C GLU A 11 4.85 1.55 14.10
N ARG A 12 5.51 2.69 14.37
CA ARG A 12 6.14 3.45 13.30
C ARG A 12 7.36 2.72 12.76
N ALA A 13 7.49 2.73 11.43
CA ALA A 13 8.56 2.00 10.75
C ALA A 13 9.48 2.87 9.91
N GLY A 14 9.21 4.16 9.78
CA GLY A 14 10.15 5.04 9.12
C GLY A 14 9.46 6.25 8.51
N ASP A 15 10.28 7.13 7.96
CA ASP A 15 9.81 8.28 7.22
C ASP A 15 9.47 7.89 5.78
N ILE A 16 8.71 8.75 5.12
CA ILE A 16 8.35 8.57 3.72
C ILE A 16 9.35 9.38 2.90
N THR A 17 10.40 8.72 2.43
CA THR A 17 11.49 9.40 1.74
C THR A 17 11.94 8.59 0.54
N TRP A 18 12.33 9.31 -0.51
CA TRP A 18 12.98 8.71 -1.67
C TRP A 18 14.45 8.52 -1.38
N GLU A 19 14.95 7.30 -1.59
CA GLU A 19 16.34 6.96 -1.32
C GLU A 19 17.12 6.92 -2.63
N LYS A 20 18.07 7.84 -2.78
CA LYS A 20 18.80 7.95 -4.04
C LYS A 20 19.63 6.72 -4.36
N ASP A 21 20.03 5.93 -3.36
CA ASP A 21 20.87 4.77 -3.60
C ASP A 21 20.07 3.48 -3.41
N ALA A 22 18.98 3.33 -4.14
CA ALA A 22 18.04 2.24 -3.94
C ALA A 22 18.24 1.17 -4.99
N GLU A 23 17.89 -0.08 -4.64
CA GLU A 23 17.96 -1.17 -5.62
C GLU A 23 16.83 -1.04 -6.64
N VAL A 24 17.21 -1.05 -7.90
CA VAL A 24 16.27 -1.01 -9.02
C VAL A 24 15.98 -2.45 -9.44
N THR A 25 14.72 -2.77 -9.68
CA THR A 25 14.34 -4.11 -10.13
C THR A 25 12.88 -4.07 -10.54
N GLY A 26 12.41 -5.20 -11.08
CA GLY A 26 11.04 -5.32 -11.51
C GLY A 26 10.83 -4.82 -12.92
N ASN A 27 10.01 -5.52 -13.69
CA ASN A 27 9.69 -5.13 -15.05
C ASN A 27 8.44 -4.25 -15.06
N SER A 28 7.85 -4.11 -16.24
CA SER A 28 6.75 -3.17 -16.46
C SER A 28 5.76 -3.80 -17.42
N PRO A 29 4.92 -4.71 -16.93
CA PRO A 29 3.96 -5.38 -17.82
C PRO A 29 2.71 -4.55 -18.05
N ARG A 30 2.15 -4.75 -19.25
CA ARG A 30 0.87 -4.17 -19.62
C ARG A 30 -0.16 -5.29 -19.64
N LEU A 31 -1.10 -5.26 -18.70
CA LEU A 31 -2.05 -6.35 -18.50
C LEU A 31 -3.48 -5.84 -18.58
N ASP A 32 -4.36 -6.69 -19.10
CA ASP A 32 -5.79 -6.41 -19.18
C ASP A 32 -6.46 -7.08 -17.98
N VAL A 33 -7.01 -6.25 -17.08
CA VAL A 33 -7.55 -6.75 -15.82
C VAL A 33 -8.97 -6.24 -15.63
N ALA A 34 -9.68 -6.90 -14.71
CA ALA A 34 -11.04 -6.52 -14.34
C ALA A 34 -11.13 -6.41 -12.83
N LEU A 35 -11.85 -5.39 -12.37
CA LEU A 35 -12.04 -5.13 -10.94
C LEU A 35 -13.48 -5.47 -10.59
N ASP A 36 -13.68 -6.57 -9.86
CA ASP A 36 -15.02 -6.97 -9.49
C ASP A 36 -15.52 -6.14 -8.31
N GLU A 37 -16.80 -6.30 -7.99
CA GLU A 37 -17.42 -5.52 -6.93
C GLU A 37 -16.76 -5.75 -5.57
N SER A 38 -16.00 -6.83 -5.41
CA SER A 38 -15.38 -7.12 -4.13
C SER A 38 -13.94 -6.63 -4.03
N GLY A 39 -13.50 -5.81 -4.98
CA GLY A 39 -12.16 -5.23 -4.91
C GLY A 39 -11.04 -6.18 -5.26
N ASP A 40 -11.33 -7.21 -6.06
CA ASP A 40 -10.34 -8.18 -6.49
C ASP A 40 -10.05 -8.00 -7.97
N PHE A 41 -8.78 -7.89 -8.32
CA PHE A 41 -8.39 -7.82 -9.71
C PHE A 41 -8.34 -9.21 -10.32
N SER A 42 -8.64 -9.29 -11.61
CA SER A 42 -8.61 -10.55 -12.33
C SER A 42 -8.10 -10.30 -13.74
N LEU A 43 -7.36 -11.28 -14.26
CA LEU A 43 -6.80 -11.17 -15.60
C LEU A 43 -7.88 -11.41 -16.65
N VAL A 44 -7.92 -10.54 -17.66
CA VAL A 44 -8.86 -10.69 -18.75
C VAL A 44 -8.12 -10.66 -20.09
N GLU B 18 0.14 9.26 19.35
CA GLU B 18 1.15 8.87 18.37
C GLU B 18 0.64 9.05 16.95
N THR B 19 1.02 10.20 16.35
CA THR B 19 0.41 10.65 15.11
C THR B 19 1.37 11.40 14.20
N THR B 20 2.68 11.19 14.37
CA THR B 20 3.60 11.88 13.49
C THR B 20 3.61 11.21 12.12
N ASP B 21 3.80 12.04 11.09
CA ASP B 21 3.82 11.55 9.73
C ASP B 21 4.80 10.39 9.58
N GLY B 22 4.49 9.48 8.66
CA GLY B 22 5.39 8.39 8.36
C GLY B 22 4.63 7.13 8.00
N VAL B 23 5.40 6.07 7.78
CA VAL B 23 4.89 4.74 7.47
C VAL B 23 4.86 3.92 8.76
N TYR B 24 3.80 3.14 8.93
CA TYR B 24 3.59 2.39 10.17
C TYR B 24 3.26 0.94 9.85
N ARG B 25 3.71 0.05 10.74
CA ARG B 25 3.27 -1.34 10.69
C ARG B 25 1.94 -1.49 11.41
N VAL B 26 1.11 -2.40 10.91
CA VAL B 26 -0.17 -2.71 11.52
C VAL B 26 -0.08 -4.13 12.07
N MET B 27 -0.06 -4.24 13.40
CA MET B 27 0.15 -5.51 14.07
C MET B 27 -1.13 -5.98 14.75
N THR B 28 -1.24 -7.30 14.90
CA THR B 28 -2.32 -7.92 15.66
C THR B 28 -1.73 -8.92 16.64
N ARG B 29 -2.46 -9.15 17.73
CA ARG B 29 -2.06 -10.12 18.75
C ARG B 29 -3.07 -11.26 18.86
N ARG B 30 -3.92 -11.45 17.85
CA ARG B 30 -4.96 -12.46 17.92
C ARG B 30 -4.46 -13.86 17.60
N LEU B 31 -3.36 -13.97 16.85
CA LEU B 31 -2.81 -15.26 16.47
C LEU B 31 -1.56 -15.54 17.33
N LEU B 32 -0.69 -16.43 16.86
CA LEU B 32 0.54 -16.73 17.59
C LEU B 32 1.50 -15.55 17.51
N GLY B 33 1.96 -15.10 18.68
CA GLY B 33 2.89 -13.98 18.73
C GLY B 33 2.29 -12.70 18.16
N SER B 34 3.18 -11.76 17.87
CA SER B 34 2.82 -10.48 17.27
C SER B 34 2.94 -10.60 15.76
N THR B 35 1.80 -10.60 15.07
CA THR B 35 1.76 -10.73 13.62
C THR B 35 1.59 -9.36 12.97
N GLN B 36 2.24 -9.16 11.84
CA GLN B 36 2.09 -7.95 11.04
C GLN B 36 1.16 -8.26 9.88
N VAL B 37 -0.05 -7.68 9.90
CA VAL B 37 -1.02 -7.94 8.84
C VAL B 37 -0.93 -6.96 7.69
N GLY B 38 -0.33 -5.80 7.90
CA GLY B 38 -0.25 -4.82 6.83
C GLY B 38 0.56 -3.61 7.22
N VAL B 39 0.52 -2.61 6.35
CA VAL B 39 1.28 -1.37 6.49
C VAL B 39 0.34 -0.20 6.24
N GLY B 40 0.72 0.97 6.74
CA GLY B 40 -0.08 2.16 6.56
C GLY B 40 0.78 3.40 6.46
N VAL B 41 0.12 4.50 6.10
CA VAL B 41 0.78 5.79 5.94
C VAL B 41 0.05 6.81 6.80
N MET B 42 0.78 7.47 7.70
CA MET B 42 0.25 8.54 8.52
C MET B 42 0.61 9.88 7.88
N GLN B 43 -0.40 10.65 7.49
CA GLN B 43 -0.18 11.95 6.87
C GLN B 43 -1.30 12.90 7.22
N GLU B 44 -0.93 14.12 7.61
CA GLU B 44 -1.89 15.17 7.91
C GLU B 44 -2.91 14.71 8.96
N GLY B 45 -2.43 13.92 9.92
CA GLY B 45 -3.27 13.41 10.99
C GLY B 45 -4.18 12.26 10.61
N VAL B 46 -4.08 11.76 9.39
CA VAL B 46 -4.92 10.67 8.91
C VAL B 46 -4.05 9.45 8.66
N PHE B 47 -4.58 8.28 8.98
CA PHE B 47 -3.87 7.02 8.75
C PHE B 47 -4.50 6.30 7.57
N HIS B 48 -3.69 6.05 6.54
CA HIS B 48 -4.15 5.41 5.32
C HIS B 48 -3.61 3.99 5.23
N THR B 49 -4.48 3.07 4.84
CA THR B 49 -4.09 1.67 4.65
C THR B 49 -5.08 1.04 3.68
N MET B 50 -4.97 -0.27 3.49
CA MET B 50 -5.84 -1.02 2.59
C MET B 50 -6.93 -1.71 3.40
N TRP B 51 -8.13 -1.77 2.83
CA TRP B 51 -9.27 -2.31 3.57
C TRP B 51 -9.00 -3.72 4.04
N HIS B 52 -8.45 -4.58 3.17
CA HIS B 52 -8.26 -5.98 3.54
C HIS B 52 -7.25 -6.15 4.67
N VAL B 53 -6.49 -5.11 5.02
CA VAL B 53 -5.55 -5.21 6.13
C VAL B 53 -6.34 -5.19 7.43
N THR B 54 -7.02 -4.08 7.70
CA THR B 54 -7.83 -3.92 8.91
C THR B 54 -9.26 -4.38 8.73
N LYS B 55 -9.74 -4.45 7.48
CA LYS B 55 -11.16 -4.70 7.23
C LYS B 55 -12.03 -3.76 8.04
N GLY B 56 -11.53 -2.54 8.27
CA GLY B 56 -12.28 -1.50 8.96
C GLY B 56 -12.15 -1.48 10.46
N ALA B 57 -11.37 -2.38 11.04
CA ALA B 57 -11.28 -2.47 12.50
C ALA B 57 -10.57 -1.26 13.08
N ALA B 58 -10.90 -0.96 14.33
CA ALA B 58 -10.21 0.10 15.06
C ALA B 58 -8.78 -0.33 15.37
N LEU B 59 -7.91 0.66 15.51
CA LEU B 59 -6.50 0.43 15.75
C LEU B 59 -6.05 1.16 17.00
N ARG B 60 -5.11 0.56 17.72
CA ARG B 60 -4.48 1.20 18.86
C ARG B 60 -3.17 1.86 18.42
N SER B 61 -2.94 3.07 18.89
CA SER B 61 -1.68 3.79 18.66
C SER B 61 -1.18 4.23 20.03
N GLY B 62 -0.55 3.30 20.73
CA GLY B 62 -0.20 3.57 22.11
C GLY B 62 -1.45 3.65 22.95
N GLU B 63 -1.59 4.73 23.72
CA GLU B 63 -2.77 4.91 24.56
C GLU B 63 -3.99 5.24 23.72
N GLY B 64 -3.84 6.10 22.72
CA GLY B 64 -4.98 6.53 21.95
C GLY B 64 -5.53 5.44 21.06
N ARG B 65 -6.75 5.67 20.60
CA ARG B 65 -7.42 4.76 19.67
C ARG B 65 -7.75 5.52 18.39
N LEU B 66 -7.58 4.85 17.25
CA LEU B 66 -7.91 5.41 15.95
C LEU B 66 -9.15 4.71 15.41
N ASP B 67 -10.12 5.50 14.97
CA ASP B 67 -11.36 4.90 14.51
C ASP B 67 -11.55 5.15 13.02
N PRO B 68 -12.15 4.20 12.30
CA PRO B 68 -12.33 4.37 10.85
C PRO B 68 -13.19 5.58 10.54
N TYR B 69 -12.81 6.30 9.50
CA TYR B 69 -13.53 7.47 9.01
C TYR B 69 -14.15 7.26 7.64
N TRP B 70 -13.40 6.64 6.72
CA TRP B 70 -13.89 6.36 5.38
C TRP B 70 -13.32 5.03 4.91
N GLY B 71 -14.12 4.28 4.16
CA GLY B 71 -13.69 3.01 3.61
C GLY B 71 -14.48 2.68 2.37
N ASP B 72 -13.91 1.79 1.56
CA ASP B 72 -14.51 1.41 0.28
C ASP B 72 -13.91 0.08 -0.14
N VAL B 73 -14.69 -1.00 0.01
CA VAL B 73 -14.15 -2.33 -0.24
C VAL B 73 -13.74 -2.50 -1.68
N LYS B 74 -14.44 -1.85 -2.62
CA LYS B 74 -14.07 -1.99 -4.03
C LYS B 74 -12.74 -1.31 -4.31
N GLN B 75 -12.50 -0.14 -3.72
CA GLN B 75 -11.17 0.47 -3.80
C GLN B 75 -10.16 -0.24 -2.92
N ASP B 76 -10.61 -1.03 -1.96
CA ASP B 76 -9.74 -1.70 -1.00
C ASP B 76 -8.93 -0.68 -0.20
N LEU B 77 -9.57 0.41 0.18
CA LEU B 77 -8.92 1.48 0.93
C LEU B 77 -9.71 1.78 2.19
N VAL B 78 -9.07 2.49 3.12
CA VAL B 78 -9.71 2.89 4.36
C VAL B 78 -8.89 4.00 5.00
N SER B 79 -9.60 4.97 5.55
CA SER B 79 -9.02 6.12 6.23
C SER B 79 -9.32 6.04 7.72
N TYR B 80 -8.50 6.74 8.51
CA TYR B 80 -8.67 6.78 9.96
C TYR B 80 -8.50 8.21 10.46
N CYS B 81 -9.42 8.64 11.33
CA CYS B 81 -9.42 9.95 11.96
C CYS B 81 -9.65 11.09 10.98
N GLY B 82 -9.96 10.79 9.72
CA GLY B 82 -10.20 11.84 8.76
C GLY B 82 -10.37 11.36 7.33
N PRO B 83 -10.69 12.28 6.43
CA PRO B 83 -10.81 11.92 5.01
C PRO B 83 -9.46 11.58 4.40
N TRP B 84 -9.51 10.74 3.37
CA TRP B 84 -8.30 10.38 2.63
C TRP B 84 -7.56 11.64 2.17
N LYS B 85 -6.26 11.69 2.45
CA LYS B 85 -5.48 12.88 2.18
C LYS B 85 -4.45 12.72 1.08
N LEU B 86 -4.21 11.50 0.59
CA LEU B 86 -3.16 11.24 -0.39
C LEU B 86 -3.72 11.45 -1.81
N ASP B 87 -3.19 12.44 -2.52
CA ASP B 87 -3.71 12.80 -3.83
C ASP B 87 -2.67 12.84 -4.93
N ALA B 88 -1.41 12.50 -4.65
CA ALA B 88 -0.39 12.48 -5.68
C ALA B 88 -0.60 11.28 -6.61
N ALA B 89 -0.24 11.46 -7.88
CA ALA B 89 -0.49 10.43 -8.89
C ALA B 89 0.77 10.16 -9.69
N TRP B 90 0.92 8.90 -10.10
CA TRP B 90 2.00 8.54 -11.02
C TRP B 90 1.89 9.36 -12.30
N ASP B 91 3.03 9.87 -12.77
CA ASP B 91 3.04 10.65 -14.00
C ASP B 91 3.02 9.79 -15.25
N GLY B 92 3.09 8.46 -15.10
CA GLY B 92 3.05 7.57 -16.24
C GLY B 92 4.32 7.51 -17.07
N LEU B 93 5.42 8.04 -16.56
CA LEU B 93 6.68 8.04 -17.31
C LEU B 93 7.86 7.68 -16.43
N SER B 94 7.95 8.32 -15.27
CA SER B 94 9.11 8.16 -14.40
C SER B 94 9.06 6.85 -13.64
N GLU B 95 10.20 6.48 -13.07
CA GLU B 95 10.26 5.38 -12.13
C GLU B 95 9.74 5.82 -10.77
N VAL B 96 9.36 4.84 -9.96
CA VAL B 96 8.82 5.10 -8.63
C VAL B 96 9.53 4.20 -7.63
N GLN B 97 9.29 4.46 -6.35
CA GLN B 97 9.91 3.70 -5.27
C GLN B 97 8.84 3.11 -4.37
N LEU B 98 8.91 1.81 -4.16
CA LEU B 98 8.05 1.13 -3.20
C LEU B 98 8.78 1.09 -1.86
N LEU B 99 8.27 1.84 -0.88
CA LEU B 99 8.80 1.79 0.48
C LEU B 99 8.21 0.56 1.17
N ALA B 100 8.80 -0.58 0.85
CA ALA B 100 8.29 -1.86 1.35
C ALA B 100 8.66 -2.06 2.82
N VAL B 101 7.69 -2.53 3.59
CA VAL B 101 7.90 -2.79 5.02
C VAL B 101 7.47 -4.22 5.32
N PRO B 102 8.32 -5.21 5.07
CA PRO B 102 7.91 -6.61 5.25
C PRO B 102 7.87 -7.00 6.71
N PRO B 103 7.04 -7.98 7.07
CA PRO B 103 6.97 -8.41 8.47
C PRO B 103 8.34 -8.85 8.99
N GLY B 104 8.76 -8.24 10.09
CA GLY B 104 10.00 -8.58 10.75
C GLY B 104 11.24 -7.92 10.18
N GLU B 105 11.12 -7.15 9.10
CA GLU B 105 12.29 -6.60 8.42
C GLU B 105 12.16 -5.09 8.29
N ARG B 106 13.29 -4.43 8.15
CA ARG B 106 13.33 -2.98 8.13
C ARG B 106 12.81 -2.45 6.79
N ALA B 107 12.33 -1.21 6.82
CA ALA B 107 11.86 -0.55 5.61
C ALA B 107 12.96 -0.51 4.56
N LYS B 108 12.58 -0.75 3.31
CA LYS B 108 13.52 -0.78 2.20
C LYS B 108 12.89 -0.16 0.97
N ASN B 109 13.60 0.77 0.34
CA ASN B 109 13.12 1.44 -0.85
C ASN B 109 13.52 0.64 -2.09
N ILE B 110 12.54 0.35 -2.94
CA ILE B 110 12.74 -0.44 -4.15
C ILE B 110 12.27 0.40 -5.33
N GLN B 111 13.22 0.82 -6.17
CA GLN B 111 12.90 1.62 -7.34
C GLN B 111 12.49 0.71 -8.50
N THR B 112 11.51 1.17 -9.28
CA THR B 112 11.03 0.39 -10.42
C THR B 112 10.26 1.31 -11.35
N LEU B 113 10.01 0.81 -12.56
CA LEU B 113 9.17 1.51 -13.52
C LEU B 113 7.83 0.79 -13.61
N PRO B 114 6.74 1.42 -13.16
CA PRO B 114 5.47 0.70 -13.06
C PRO B 114 4.97 0.20 -14.40
N GLY B 115 4.16 -0.85 -14.36
CA GLY B 115 3.39 -1.30 -15.50
C GLY B 115 2.01 -0.69 -15.49
N ILE B 116 1.13 -1.24 -16.33
CA ILE B 116 -0.20 -0.69 -16.53
C ILE B 116 -1.25 -1.79 -16.40
N PHE B 117 -2.16 -1.62 -15.45
CA PHE B 117 -3.43 -2.34 -15.45
C PHE B 117 -4.37 -1.59 -16.39
N LYS B 118 -4.75 -2.22 -17.50
CA LYS B 118 -5.72 -1.64 -18.42
C LYS B 118 -7.09 -2.21 -18.09
N THR B 119 -8.01 -1.35 -17.66
CA THR B 119 -9.33 -1.78 -17.26
C THR B 119 -10.40 -1.03 -18.06
N LYS B 120 -11.63 -1.54 -17.97
CA LYS B 120 -12.75 -0.92 -18.67
C LYS B 120 -12.84 0.57 -18.37
N ASP B 121 -12.56 0.95 -17.13
CA ASP B 121 -12.74 2.32 -16.68
C ASP B 121 -11.47 3.17 -16.76
N GLY B 122 -10.35 2.58 -17.14
CA GLY B 122 -9.13 3.34 -17.31
C GLY B 122 -7.92 2.51 -16.96
N ASP B 123 -6.76 3.18 -16.96
CA ASP B 123 -5.47 2.55 -16.72
C ASP B 123 -4.91 3.02 -15.39
N ILE B 124 -4.32 2.09 -14.64
CA ILE B 124 -3.66 2.40 -13.38
C ILE B 124 -2.26 1.83 -13.42
N GLY B 125 -1.31 2.55 -12.81
CA GLY B 125 0.04 2.02 -12.69
C GLY B 125 0.06 0.75 -11.87
N ALA B 126 1.01 -0.13 -12.20
CA ALA B 126 1.20 -1.39 -11.49
C ALA B 126 2.68 -1.63 -11.30
N VAL B 127 3.04 -2.21 -10.16
CA VAL B 127 4.43 -2.49 -9.82
C VAL B 127 4.59 -4.00 -9.69
N ALA B 128 5.59 -4.55 -10.38
CA ALA B 128 5.86 -5.99 -10.35
C ALA B 128 6.93 -6.30 -9.32
N LEU B 129 6.51 -6.21 -8.05
CA LEU B 129 7.36 -6.56 -6.92
C LEU B 129 6.57 -7.49 -6.01
N ASP B 130 7.19 -8.60 -5.61
CA ASP B 130 6.55 -9.60 -4.77
C ASP B 130 7.08 -9.50 -3.35
N TYR B 131 6.18 -9.48 -2.38
CA TYR B 131 6.55 -9.35 -0.98
C TYR B 131 5.55 -10.11 -0.13
N PRO B 132 5.89 -10.41 1.12
CA PRO B 132 4.97 -11.18 1.98
C PRO B 132 3.60 -10.50 2.07
N ALA B 133 2.60 -11.32 2.43
CA ALA B 133 1.24 -10.82 2.52
C ALA B 133 1.16 -9.62 3.46
N GLY B 134 1.85 -9.67 4.59
CA GLY B 134 1.86 -8.57 5.53
C GLY B 134 2.46 -7.28 5.04
N THR B 135 3.00 -7.26 3.82
CA THR B 135 3.48 -6.01 3.25
C THR B 135 2.36 -5.15 2.66
N SER B 136 1.14 -5.69 2.60
CA SER B 136 0.01 -4.94 2.10
C SER B 136 -0.08 -3.57 2.77
N GLY B 137 -0.12 -2.52 1.95
CA GLY B 137 -0.27 -1.18 2.46
C GLY B 137 0.97 -0.31 2.42
N SER B 138 2.12 -0.84 2.00
CA SER B 138 3.32 -0.02 1.99
C SER B 138 3.21 1.05 0.91
N PRO B 139 3.60 2.28 1.22
CA PRO B 139 3.40 3.37 0.25
C PRO B 139 4.30 3.25 -0.97
N ILE B 140 3.88 3.93 -2.02
CA ILE B 140 4.64 4.05 -3.27
C ILE B 140 4.85 5.54 -3.52
N LEU B 141 6.09 5.92 -3.79
CA LEU B 141 6.46 7.33 -3.84
C LEU B 141 6.98 7.73 -5.21
N ASP B 142 6.78 9.00 -5.54
CA ASP B 142 7.38 9.59 -6.72
C ASP B 142 8.72 10.24 -6.34
N LYS B 143 9.41 10.78 -7.34
CA LYS B 143 10.73 11.34 -7.10
C LYS B 143 10.69 12.48 -6.08
N CYS B 144 9.57 13.18 -5.95
CA CYS B 144 9.45 14.26 -5.00
C CYS B 144 8.94 13.81 -3.64
N GLY B 145 8.84 12.49 -3.40
CA GLY B 145 8.49 11.97 -2.10
C GLY B 145 7.00 11.80 -1.84
N ARG B 146 6.15 12.36 -2.68
CA ARG B 146 4.71 12.23 -2.47
C ARG B 146 4.28 10.78 -2.64
N VAL B 147 3.35 10.34 -1.80
CA VAL B 147 2.81 8.99 -1.90
C VAL B 147 1.82 8.96 -3.06
N ILE B 148 2.07 8.09 -4.04
CA ILE B 148 1.20 7.99 -5.20
C ILE B 148 0.23 6.82 -5.10
N GLY B 149 0.35 5.97 -4.09
CA GLY B 149 -0.57 4.87 -3.93
C GLY B 149 -0.07 3.89 -2.89
N LEU B 150 -0.88 2.85 -2.68
CA LEU B 150 -0.57 1.80 -1.71
C LEU B 150 -0.43 0.46 -2.42
N TYR B 151 0.57 -0.31 -2.01
CA TYR B 151 0.87 -1.61 -2.58
C TYR B 151 0.07 -2.69 -1.85
N GLY B 152 -0.46 -3.64 -2.61
CA GLY B 152 -1.22 -4.70 -1.98
C GLY B 152 -2.31 -5.37 -2.81
N ASN B 153 -3.03 -4.61 -3.64
CA ASN B 153 -4.15 -5.13 -4.43
C ASN B 153 -3.68 -5.37 -5.86
N GLY B 154 -3.48 -6.64 -6.22
CA GLY B 154 -2.93 -6.98 -7.51
C GLY B 154 -3.44 -8.30 -8.06
N VAL B 155 -2.60 -8.96 -8.85
CA VAL B 155 -2.94 -10.20 -9.53
C VAL B 155 -1.70 -11.09 -9.59
N VAL B 156 -1.92 -12.32 -10.04
CA VAL B 156 -0.86 -13.30 -10.23
C VAL B 156 -0.85 -13.70 -11.70
N ILE B 157 0.32 -13.65 -12.33
CA ILE B 157 0.42 -13.90 -13.77
C ILE B 157 0.89 -15.31 -14.05
N LYS B 158 1.15 -15.62 -15.32
CA LYS B 158 1.48 -16.97 -15.72
C LYS B 158 2.62 -17.54 -14.87
N ASN B 159 3.72 -16.81 -14.78
CA ASN B 159 4.89 -17.31 -14.05
C ASN B 159 4.54 -17.70 -12.62
N GLY B 160 3.57 -17.03 -12.01
CA GLY B 160 3.16 -17.32 -10.65
C GLY B 160 3.54 -16.28 -9.63
N SER B 161 4.15 -15.17 -10.03
CA SER B 161 4.47 -14.09 -9.10
C SER B 161 3.58 -12.89 -9.38
N TYR B 162 3.86 -11.81 -8.66
CA TYR B 162 2.85 -10.83 -8.25
C TYR B 162 3.01 -9.52 -9.00
N VAL B 163 1.86 -8.92 -9.34
CA VAL B 163 1.78 -7.56 -9.87
C VAL B 163 0.72 -6.82 -9.08
N SER B 164 1.12 -5.74 -8.42
CA SER B 164 0.23 -4.96 -7.58
C SER B 164 -0.16 -3.66 -8.27
N ALA B 165 -1.40 -3.25 -8.08
CA ALA B 165 -1.80 -1.94 -8.57
C ALA B 165 -1.22 -0.85 -7.68
N ILE B 166 -1.11 0.35 -8.25
CA ILE B 166 -0.78 1.54 -7.46
C ILE B 166 -2.13 2.14 -7.03
N THR B 167 -2.68 1.57 -5.97
CA THR B 167 -4.01 1.90 -5.50
C THR B 167 -4.01 3.27 -4.82
N GLN B 168 -4.69 4.24 -5.43
CA GLN B 168 -4.74 5.60 -4.92
C GLN B 168 -6.19 6.01 -4.67
N GLY B 169 -6.39 6.79 -3.61
CA GLY B 169 -7.72 7.28 -3.26
C GLY B 169 -8.04 8.63 -3.86
C10 7QG C . -4.20 -11.08 -5.90
C13 7QG C . -6.99 -12.23 -7.78
C15 7QG C . -3.61 -10.21 -3.50
C20 7QG C . -6.29 -9.91 -0.72
C21 7QG C . -6.66 -8.64 -1.48
C22 7QG C . -7.99 -8.83 -2.20
C24 7QG C . -2.47 -9.51 -0.57
C28 7QG C . 0.31 -9.95 -1.26
C01 7QG C . -0.27 -17.16 -2.46
C04 7QG C . -2.15 -16.12 -3.80
C05 7QG C . -3.21 -15.10 -3.40
C06 7QG C . -2.89 -13.70 -3.94
C09 7QG C . -3.64 -11.37 -4.50
C11 7QG C . -5.71 -11.25 -5.87
C12 7QG C . -6.11 -12.55 -6.57
C18 7QG C . -3.92 -9.41 -1.05
C19 7QG C . -4.94 -9.79 0.01
C27 7QG C . -0.11 -8.68 -0.51
C29 7QG C . 1.79 -10.25 -1.20
C30 7QG C . 2.25 -10.80 -2.55
C31 7QG C . 1.45 -12.02 -3.02
C33 7QG C . 1.98 -13.81 -4.83
C36 7QG C . 1.32 -13.10 -1.94
C39 7QG C . 2.24 -14.54 -0.11
C40 7QG C . 1.74 -15.78 -0.86
C43 7QG C . 0.24 -17.76 -1.14
N03 7QG C . -1.64 -16.70 -2.57
N08 7QG C . -3.96 -12.70 -4.00
N14 7QG C . -7.90 -13.34 -8.03
N17 7QG C . -3.95 -10.44 -2.10
N23 7QG C . -8.40 -7.59 -2.83
N26 7QG C . -1.48 -8.50 -0.95
N32 7QG C . 2.23 -12.54 -4.14
N34 7QG C . 2.73 -14.17 -5.76
N35 7QG C . 0.86 -14.66 -4.46
N38 7QG C . 2.43 -13.49 -1.10
N42 7QG C . 0.67 -16.61 -0.35
O02 7QG C . 0.46 -17.06 -3.39
O07 7QG C . -1.80 -13.43 -4.31
O16 7QG C . -3.33 -9.12 -3.86
O25 7QG C . -2.14 -10.43 0.09
O37 7QG C . 0.26 -13.61 -1.83
O41 7QG C . 2.24 -16.06 -1.90
H101 7QG C . -3.80 -11.69 -6.54
H102 7QG C . -3.97 -10.17 -6.15
H131 7QG C . -6.43 -12.11 -8.56
H132 7QG C . -7.49 -11.43 -7.61
H201 7QG C . -6.98 -10.11 -0.07
H202 7QG C . -6.24 -10.65 -1.35
H212 7QG C . -5.97 -8.43 -2.13
H211 7QG C . -6.74 -7.90 -0.86
H221 7QG C . -8.66 -9.11 -1.57
H222 7QG C . -7.90 -9.51 -2.89
H282 7QG C . -0.17 -10.71 -0.87
H281 7QG C . 0.04 -9.85 -2.19
H042 7QG C . -2.53 -16.80 -4.37
H041 7QG C . -1.42 -15.68 -4.28
H052 7QG C . -3.28 -15.06 -2.44
H051 7QG C . -4.07 -15.39 -3.77
H112 7QG C . -6.13 -10.51 -6.33
H111 7QG C . -6.02 -11.27 -4.95
H122 7QG C . -6.60 -13.11 -5.95
H121 7QG C . -5.31 -13.02 -6.86
H181 7QG C . -4.15 -8.52 -1.32
H191 7QG C . -4.99 -9.11 0.68
H192 7QG C . -4.71 -10.64 0.42
H271 7QG C . 0.45 -7.93 -0.76
H272 7QG C . -0.05 -8.81 0.46
H292 7QG C . 2.27 -9.43 -1.00
H291 7QG C . 1.97 -10.90 -0.50
H302 7QG C . 3.18 -11.05 -2.48
H301 7QG C . 2.16 -10.09 -3.22
H311 7QG C . 0.54 -11.77 -3.24
H392 7QG C . 1.58 -14.27 0.55
H391 7QG C . 3.08 -14.74 0.34
H431 7QG C . -0.48 -18.23 -0.69
H432 7QG C . 0.98 -18.36 -1.30
H031 7QG C . -2.17 -16.77 -1.89
H081 7QG C . -4.76 -12.89 -3.73
H2 7QG C . -8.41 -13.47 -7.30
H141 7QG C . -8.43 -13.14 -8.73
H171 7QG C . -4.19 -11.24 -1.88
H232 7QG C . -7.74 -6.99 -2.76
H3 7QG C . -9.13 -7.27 -2.42
H261 7QG C . -1.70 -7.82 -1.42
H321 7QG C . 2.90 -12.07 -4.42
H341 7QG C . 3.42 -13.68 -6.01
H352 7QG C . 0.33 -14.42 -3.82
H352 7QG C . 0.73 -15.39 -4.88
H381 7QG C . 3.20 -13.11 -1.18
H421 7QG C . 0.30 -16.44 0.41
S SO4 D . 2.95 -14.81 3.74
O1 SO4 D . 3.30 -15.94 2.88
O2 SO4 D . 4.06 -14.52 4.63
O3 SO4 D . 1.77 -15.17 4.54
O4 SO4 D . 2.66 -13.65 2.92
#